data_4Q1R
#
_entry.id   4Q1R
#
_cell.length_a   43.140
_cell.length_b   58.410
_cell.length_c   111.170
_cell.angle_alpha   90.00
_cell.angle_beta   90.00
_cell.angle_gamma   90.00
#
_symmetry.space_group_name_H-M   'P 21 21 21'
#
loop_
_entity.id
_entity.type
_entity.pdbx_description
1 polymer Galectin-1
2 non-polymer 'propyl 2-(acetylamino)-2-deoxy-4-O-[3-O-({1-[2-(3-hydroxyphenyl)-2-oxoethyl]-1H-1,2,3-triazol-4-yl}methyl)-beta-D-galactopyranosyl]-beta-D-glucopyranoside'
3 non-polymer 'SULFATE ION'
4 water water
#
_entity_poly.entity_id   1
_entity_poly.type   'polypeptide(L)'
_entity_poly.pdbx_seq_one_letter_code
;GMACGLVASNLNLKPGE(CME)LRVRGEVAPDAKSFVLNLGKDSNNLCLHFNPRFNAHGDANTIVCNSKDGGAWGTEQRE
AVFPFQPGSVAEV(CME)ITFDQANLTVKLPDGYEFKFPNRLNLEAINYMAADGDFKIK(CME)VAFD
;
_entity_poly.pdbx_strand_id   A,B
#
loop_
_chem_comp.id
_chem_comp.type
_chem_comp.name
_chem_comp.formula
2XU non-polymer 'propyl 2-(acetylamino)-2-deoxy-4-O-[3-O-({1-[2-(3-hydroxyphenyl)-2-oxoethyl]-1H-1,2,3-triazol-4-yl}methyl)-beta-D-galactopyranosyl]-beta-D-glucopyranoside' 'C28 H40 N4 O13'
SO4 non-polymer 'SULFATE ION' 'O4 S -2'
#
# COMPACT_ATOMS: atom_id res chain seq x y z
N CYS A 4 -9.01 4.46 11.30
CA CYS A 4 -7.73 3.84 10.92
C CYS A 4 -7.53 3.82 9.43
N GLY A 5 -6.31 4.14 9.03
CA GLY A 5 -5.99 4.24 7.63
C GLY A 5 -5.34 2.98 7.12
N LEU A 6 -4.72 3.13 5.97
N LEU A 6 -4.73 3.12 5.96
CA LEU A 6 -4.08 2.04 5.27
CA LEU A 6 -4.07 2.03 5.26
C LEU A 6 -3.07 1.30 6.15
C LEU A 6 -3.10 1.30 6.18
N VAL A 7 -3.12 -0.03 6.08
CA VAL A 7 -2.12 -0.87 6.73
C VAL A 7 -1.53 -1.75 5.66
N ALA A 8 -0.22 -1.78 5.55
CA ALA A 8 0.45 -2.66 4.62
C ALA A 8 1.44 -3.54 5.33
N SER A 9 1.55 -4.78 4.89
CA SER A 9 2.47 -5.72 5.46
C SER A 9 3.18 -6.47 4.35
N ASN A 10 4.20 -7.24 4.71
CA ASN A 10 5.14 -7.81 3.74
C ASN A 10 5.79 -6.79 2.84
N LEU A 11 6.09 -5.62 3.36
CA LEU A 11 6.68 -4.58 2.51
C LEU A 11 8.06 -4.95 2.03
N ASN A 12 8.80 -5.67 2.88
CA ASN A 12 10.16 -6.07 2.55
C ASN A 12 11.03 -4.91 2.10
N LEU A 13 10.92 -3.78 2.79
CA LEU A 13 11.74 -2.64 2.46
C LEU A 13 13.11 -2.87 3.07
N LYS A 14 14.14 -2.87 2.22
CA LYS A 14 15.49 -3.18 2.66
C LYS A 14 16.28 -1.90 2.87
N PRO A 15 17.42 -2.00 3.56
CA PRO A 15 18.23 -0.80 3.78
C PRO A 15 18.64 -0.13 2.48
N GLY A 16 18.58 1.19 2.45
CA GLY A 16 18.95 1.94 1.26
C GLY A 16 17.76 2.19 0.34
N GLU A 17 16.72 1.37 0.48
CA GLU A 17 15.54 1.50 -0.36
C GLU A 17 14.62 2.60 0.16
N CME A 18 13.89 3.25 -0.75
CA CME A 18 13.08 4.38 -0.40
CB CME A 18 13.37 5.51 -1.33
SG CME A 18 12.58 7.07 -0.97
SD CME A 18 13.63 8.15 0.37
CE CME A 18 14.95 9.00 -0.45
CZ CME A 18 14.63 10.25 -1.19
OH CME A 18 15.66 10.98 -1.75
C CME A 18 11.62 4.10 -0.43
O CME A 18 11.06 3.63 -1.46
H CME A 18 13.82 3.04 -1.63
HA CME A 18 13.32 4.67 0.50
HB2 CME A 18 14.34 5.66 -1.34
HB3 CME A 18 13.08 5.25 -2.21
HE2 CME A 18 15.32 8.39 -1.12
HE3 CME A 18 15.66 9.19 0.19
HZ2 CME A 18 14.13 10.84 -0.59
HZ3 CME A 18 14.03 10.01 -1.93
HH CME A 18 15.34 11.66 -2.20
N LEU A 19 10.96 4.38 0.69
CA LEU A 19 9.50 4.34 0.76
C LEU A 19 8.96 5.74 0.60
N ARG A 20 8.05 5.94 -0.35
CA ARG A 20 7.44 7.24 -0.60
C ARG A 20 5.94 7.14 -0.40
N VAL A 21 5.41 8.09 0.38
CA VAL A 21 4.00 8.14 0.72
C VAL A 21 3.49 9.55 0.47
N ARG A 22 2.45 9.65 -0.34
CA ARG A 22 1.83 10.93 -0.64
C ARG A 22 0.39 10.88 -0.18
N GLY A 23 -0.05 11.93 0.48
CA GLY A 23 -1.42 11.98 0.96
C GLY A 23 -1.94 13.39 1.09
N GLU A 24 -3.22 13.47 1.41
CA GLU A 24 -3.89 14.74 1.61
C GLU A 24 -4.07 14.99 3.09
N VAL A 25 -3.56 16.12 3.57
CA VAL A 25 -3.77 16.55 4.94
C VAL A 25 -5.11 17.27 5.01
N ALA A 26 -5.99 16.81 5.90
CA ALA A 26 -7.32 17.40 6.07
C ALA A 26 -7.25 18.90 6.41
N PRO A 27 -8.21 19.68 5.88
CA PRO A 27 -8.26 21.12 6.19
C PRO A 27 -8.30 21.40 7.68
N ASP A 28 -8.90 20.50 8.45
CA ASP A 28 -9.00 20.71 9.88
C ASP A 28 -8.16 19.70 10.64
N ALA A 29 -7.08 19.26 10.01
CA ALA A 29 -6.19 18.26 10.58
C ALA A 29 -5.69 18.69 11.95
N LYS A 30 -5.67 17.75 12.88
CA LYS A 30 -5.09 17.97 14.19
C LYS A 30 -3.77 17.23 14.30
N SER A 31 -3.71 16.06 13.67
N SER A 31 -3.70 16.06 13.69
CA SER A 31 -2.62 15.10 13.88
CA SER A 31 -2.45 15.32 13.62
C SER A 31 -2.68 14.04 12.79
C SER A 31 -2.64 14.16 12.67
N PHE A 32 -1.52 13.53 12.35
CA PHE A 32 -1.53 12.27 11.60
C PHE A 32 -0.33 11.45 11.98
N VAL A 33 -0.39 10.16 11.63
CA VAL A 33 0.62 9.21 12.02
C VAL A 33 0.99 8.31 10.87
N LEU A 34 2.29 8.13 10.70
N LEU A 34 2.29 8.09 10.70
CA LEU A 34 2.79 7.01 9.93
CA LEU A 34 2.83 7.03 9.87
C LEU A 34 3.62 6.16 10.85
C LEU A 34 3.70 6.14 10.73
N ASN A 35 3.30 4.88 10.90
CA ASN A 35 4.05 3.91 11.69
C ASN A 35 4.74 2.96 10.75
N LEU A 36 6.02 2.69 11.01
CA LEU A 36 6.82 1.76 10.25
C LEU A 36 7.55 0.80 11.18
N GLY A 37 7.62 -0.46 10.77
CA GLY A 37 8.36 -1.44 11.54
C GLY A 37 8.09 -2.86 11.10
N LYS A 38 7.95 -3.72 12.10
CA LYS A 38 7.70 -5.14 11.90
C LYS A 38 6.22 -5.49 12.02
N ASP A 39 5.57 -4.90 13.03
CA ASP A 39 4.15 -5.07 13.26
C ASP A 39 3.70 -3.96 14.23
N SER A 40 2.45 -4.00 14.65
CA SER A 40 1.90 -2.92 15.47
C SER A 40 2.58 -2.73 16.83
N ASN A 41 3.25 -3.78 17.32
CA ASN A 41 3.95 -3.70 18.61
C ASN A 41 5.43 -3.40 18.48
N ASN A 42 5.91 -3.34 17.24
CA ASN A 42 7.33 -3.20 16.97
C ASN A 42 7.59 -2.23 15.86
N LEU A 43 7.79 -0.98 16.24
CA LEU A 43 7.90 0.12 15.30
C LEU A 43 9.27 0.75 15.39
N CYS A 44 10.00 0.75 14.28
CA CYS A 44 11.25 1.48 14.26
C CYS A 44 10.98 2.97 14.06
N LEU A 45 9.82 3.33 13.49
CA LEU A 45 9.47 4.75 13.46
C LEU A 45 7.99 4.98 13.65
N HIS A 46 7.62 5.74 14.65
CA HIS A 46 6.29 6.33 14.81
C HIS A 46 6.51 7.79 14.47
N PHE A 47 5.97 8.22 13.34
CA PHE A 47 6.15 9.57 12.84
C PHE A 47 4.83 10.32 12.98
N ASN A 48 4.83 11.35 13.83
CA ASN A 48 3.58 11.97 14.27
C ASN A 48 3.59 13.51 14.23
N PRO A 49 3.34 14.08 13.04
CA PRO A 49 3.17 15.53 12.97
C PRO A 49 1.90 15.96 13.72
N ARG A 50 2.05 16.86 14.68
CA ARG A 50 0.92 17.38 15.44
C ARG A 50 0.67 18.83 15.06
N PHE A 51 -0.46 19.08 14.41
CA PHE A 51 -0.84 20.44 14.06
C PHE A 51 -1.37 21.09 15.31
N ASN A 52 -2.28 20.37 15.96
CA ASN A 52 -2.75 20.74 17.28
C ASN A 52 -3.31 19.51 17.98
N ALA A 53 -2.46 18.87 18.78
CA ALA A 53 -2.80 17.61 19.44
C ALA A 53 -1.91 17.44 20.66
N HIS A 54 -2.47 16.88 21.73
CA HIS A 54 -1.73 16.64 22.98
C HIS A 54 -1.05 17.90 23.53
N GLY A 55 -1.67 19.05 23.31
CA GLY A 55 -1.13 20.31 23.80
C GLY A 55 -0.04 20.88 22.93
N ASP A 56 0.29 20.18 21.85
CA ASP A 56 1.37 20.59 20.96
C ASP A 56 0.85 21.25 19.70
N ALA A 57 1.56 22.28 19.25
CA ALA A 57 1.21 22.94 18.00
C ALA A 57 2.36 22.89 17.01
N ASN A 58 2.04 22.53 15.77
CA ASN A 58 3.01 22.46 14.67
C ASN A 58 4.35 21.87 15.10
N THR A 59 4.27 20.65 15.62
CA THR A 59 5.45 19.93 16.09
C THR A 59 5.46 18.49 15.58
N ILE A 60 6.60 18.08 15.04
CA ILE A 60 6.79 16.68 14.65
C ILE A 60 7.31 15.89 15.83
N VAL A 61 6.52 14.89 16.23
CA VAL A 61 6.89 13.99 17.32
C VAL A 61 7.26 12.65 16.71
N CYS A 62 8.41 12.11 17.12
CA CYS A 62 8.84 10.78 16.71
C CYS A 62 9.13 9.89 17.88
N ASN A 63 8.89 8.60 17.68
CA ASN A 63 9.28 7.66 18.72
C ASN A 63 9.44 6.28 18.11
N SER A 64 9.85 5.33 18.92
CA SER A 64 9.90 3.93 18.55
C SER A 64 8.98 3.16 19.48
N LYS A 65 8.70 1.90 19.12
CA LYS A 65 7.98 1.01 20.01
C LYS A 65 8.63 -0.37 19.87
N ASP A 66 9.03 -0.93 21.00
CA ASP A 66 9.79 -2.18 21.01
C ASP A 66 9.08 -3.16 21.90
N GLY A 67 8.53 -4.22 21.31
CA GLY A 67 7.79 -5.20 22.09
C GLY A 67 6.69 -4.55 22.90
N GLY A 68 5.98 -3.59 22.28
CA GLY A 68 4.85 -2.95 22.92
C GLY A 68 5.19 -1.72 23.76
N ALA A 69 6.47 -1.48 24.05
CA ALA A 69 6.88 -0.38 24.91
C ALA A 69 7.34 0.83 24.10
N TRP A 70 6.71 1.97 24.33
CA TRP A 70 7.17 3.21 23.72
C TRP A 70 8.59 3.53 24.19
N GLY A 71 9.42 4.00 23.26
CA GLY A 71 10.76 4.45 23.58
C GLY A 71 10.75 5.89 24.04
N THR A 72 11.93 6.50 23.93
CA THR A 72 12.09 7.89 24.31
C THR A 72 11.71 8.80 23.14
N GLU A 73 10.71 9.63 23.38
CA GLU A 73 10.18 10.54 22.38
C GLU A 73 11.21 11.60 22.02
N GLN A 74 11.20 12.01 20.75
CA GLN A 74 12.03 13.11 20.26
C GLN A 74 11.20 14.03 19.42
N ARG A 75 11.53 15.30 19.43
CA ARG A 75 10.83 16.30 18.65
C ARG A 75 11.77 17.01 17.71
N GLU A 76 11.25 17.37 16.53
CA GLU A 76 12.04 18.09 15.55
C GLU A 76 11.66 19.57 15.65
N ALA A 77 12.36 20.44 14.94
CA ALA A 77 12.12 21.88 15.13
C ALA A 77 11.65 22.58 13.88
N VAL A 78 11.21 21.84 12.90
N VAL A 78 11.34 21.82 12.83
CA VAL A 78 10.56 22.48 11.80
CA VAL A 78 10.68 22.36 11.62
C VAL A 78 9.23 21.77 11.64
C VAL A 78 9.38 21.61 11.32
N PHE A 79 8.39 22.32 10.79
CA PHE A 79 7.08 21.75 10.54
C PHE A 79 6.60 22.12 9.14
N PRO A 80 7.03 21.34 8.13
CA PRO A 80 6.74 21.68 6.73
C PRO A 80 5.44 21.06 6.25
N PHE A 81 4.39 21.19 7.05
CA PHE A 81 3.08 20.68 6.68
C PHE A 81 2.04 21.77 6.87
N GLN A 82 1.06 21.78 5.98
N GLN A 82 0.99 21.72 6.06
CA GLN A 82 -0.10 22.66 6.09
CA GLN A 82 -0.06 22.72 6.10
C GLN A 82 -1.36 21.82 6.10
C GLN A 82 -1.42 22.03 5.92
N PRO A 83 -2.37 22.27 6.84
CA PRO A 83 -3.68 21.65 6.67
C PRO A 83 -4.25 21.98 5.29
N GLY A 84 -5.02 21.06 4.71
CA GLY A 84 -5.66 21.30 3.43
C GLY A 84 -4.69 21.33 2.27
N SER A 85 -3.72 20.42 2.29
CA SER A 85 -2.65 20.40 1.29
C SER A 85 -2.21 18.98 1.04
N VAL A 86 -1.53 18.76 -0.09
CA VAL A 86 -0.94 17.46 -0.39
C VAL A 86 0.48 17.46 0.17
N ALA A 87 0.86 16.36 0.79
CA ALA A 87 2.21 16.23 1.32
C ALA A 87 2.79 14.86 0.99
N GLU A 88 4.08 14.84 0.65
N GLU A 88 4.07 14.86 0.66
CA GLU A 88 4.83 13.62 0.43
CA GLU A 88 4.82 13.64 0.38
C GLU A 88 5.90 13.47 1.50
C GLU A 88 5.96 13.50 1.37
N VAL A 89 6.07 12.24 1.97
N VAL A 89 6.11 12.29 1.90
CA VAL A 89 7.11 11.88 2.91
CA VAL A 89 7.19 11.99 2.82
C VAL A 89 7.87 10.71 2.27
C VAL A 89 7.87 10.73 2.32
N CME A 90 9.20 10.71 2.34
CA CME A 90 10.17 9.74 1.88
CB CME A 90 10.98 10.37 0.80
SG CME A 90 10.03 10.98 -0.54
SD CME A 90 10.88 12.68 -1.14
CE CME A 90 10.09 13.91 -0.16
CZ CME A 90 9.27 14.96 -0.80
OH CME A 90 8.52 15.71 0.10
C CME A 90 11.01 9.27 3.00
O CME A 90 11.62 10.09 3.73
H CME A 90 9.21 9.90 1.93
HA CME A 90 9.70 8.98 1.50
HB2 CME A 90 11.47 11.11 1.20
HB3 CME A 90 11.61 9.72 0.46
HE2 CME A 90 10.77 14.35 0.37
HE3 CME A 90 9.51 13.44 0.45
HZ2 CME A 90 9.86 15.57 -1.27
HZ3 CME A 90 8.67 14.55 -1.44
HH CME A 90 8.09 16.35 -0.34
N ILE A 91 11.07 7.96 3.18
CA ILE A 91 11.79 7.39 4.28
C ILE A 91 12.72 6.28 3.79
N THR A 92 13.91 6.23 4.39
N THR A 92 13.98 6.32 4.25
CA THR A 92 14.92 5.24 4.08
CA THR A 92 14.91 5.20 4.07
C THR A 92 15.65 4.94 5.38
C THR A 92 15.49 4.83 5.44
N PHE A 93 16.31 3.79 5.46
CA PHE A 93 17.01 3.41 6.69
C PHE A 93 18.30 2.63 6.45
N ASP A 94 19.17 2.69 7.46
CA ASP A 94 20.26 1.74 7.60
C ASP A 94 20.28 1.27 9.06
N GLN A 95 21.31 0.56 9.49
CA GLN A 95 21.31 0.02 10.85
C GLN A 95 21.37 1.11 11.91
N ALA A 96 21.94 2.27 11.56
CA ALA A 96 22.11 3.36 12.52
C ALA A 96 20.86 4.23 12.64
N ASN A 97 20.30 4.62 11.51
CA ASN A 97 19.25 5.65 11.47
C ASN A 97 18.20 5.43 10.42
N LEU A 98 17.02 5.99 10.66
CA LEU A 98 16.06 6.23 9.60
C LEU A 98 16.28 7.65 9.17
N THR A 99 16.20 7.88 7.85
CA THR A 99 16.27 9.23 7.30
C THR A 99 14.90 9.57 6.74
N VAL A 100 14.34 10.66 7.24
CA VAL A 100 13.01 11.11 6.87
C VAL A 100 13.13 12.41 6.10
N LYS A 101 12.66 12.37 4.86
CA LYS A 101 12.66 13.54 3.98
C LYS A 101 11.26 14.06 3.81
N LEU A 102 11.14 15.37 3.95
N LEU A 102 11.11 15.35 4.16
CA LEU A 102 9.84 15.99 4.00
CA LEU A 102 9.84 16.06 4.25
C LEU A 102 9.70 17.10 2.99
C LEU A 102 9.65 16.98 3.03
N PRO A 103 8.53 17.71 2.94
CA PRO A 103 8.38 18.83 2.00
C PRO A 103 9.27 20.02 2.40
N ASP A 104 9.39 21.02 1.52
CA ASP A 104 10.12 22.24 1.82
C ASP A 104 11.60 22.01 2.12
N GLY A 105 12.14 20.94 1.54
CA GLY A 105 13.56 20.65 1.61
C GLY A 105 14.05 20.05 2.92
N TYR A 106 13.16 19.76 3.85
CA TYR A 106 13.63 19.37 5.18
C TYR A 106 13.83 17.89 5.36
N GLU A 107 14.84 17.56 6.15
CA GLU A 107 15.23 16.18 6.32
C GLU A 107 15.84 15.98 7.68
N PHE A 108 15.52 14.85 8.31
CA PHE A 108 16.15 14.56 9.62
C PHE A 108 16.37 13.08 9.78
N LYS A 109 17.19 12.73 10.77
CA LYS A 109 17.43 11.34 11.08
C LYS A 109 16.83 11.00 12.44
N PHE A 110 16.35 9.78 12.56
CA PHE A 110 15.83 9.27 13.83
C PHE A 110 16.58 7.98 14.11
N PRO A 111 17.06 7.80 15.35
CA PRO A 111 17.88 6.60 15.58
C PRO A 111 17.08 5.33 15.35
N ASN A 112 17.71 4.35 14.71
CA ASN A 112 17.11 3.02 14.56
C ASN A 112 17.37 2.19 15.81
N ARG A 113 16.33 2.02 16.63
CA ARG A 113 16.48 1.41 17.94
C ARG A 113 16.11 -0.06 17.97
N LEU A 114 15.52 -0.53 16.88
CA LEU A 114 15.13 -1.92 16.77
C LEU A 114 16.17 -2.64 15.94
N ASN A 115 15.99 -3.94 15.79
CA ASN A 115 16.99 -4.76 15.17
C ASN A 115 16.52 -5.37 13.86
N LEU A 116 15.68 -4.64 13.12
CA LEU A 116 15.02 -5.25 11.97
C LEU A 116 15.91 -5.33 10.73
N GLU A 117 15.84 -6.46 10.04
CA GLU A 117 16.58 -6.65 8.79
C GLU A 117 15.90 -5.90 7.65
N ALA A 118 14.58 -5.79 7.73
CA ALA A 118 13.79 -5.11 6.72
C ALA A 118 12.62 -4.45 7.44
N ILE A 119 12.05 -3.41 6.82
CA ILE A 119 10.77 -2.88 7.29
C ILE A 119 9.66 -3.57 6.54
N ASN A 120 8.80 -4.25 7.28
CA ASN A 120 7.74 -5.06 6.68
C ASN A 120 6.34 -4.53 6.90
N TYR A 121 6.20 -3.53 7.77
CA TYR A 121 4.89 -3.06 8.19
C TYR A 121 4.83 -1.56 8.13
N MET A 122 3.75 -1.05 7.55
CA MET A 122 3.41 0.36 7.60
C MET A 122 1.95 0.53 7.94
N ALA A 123 1.64 1.51 8.77
CA ALA A 123 0.26 1.82 9.08
C ALA A 123 0.09 3.32 9.15
N ALA A 124 -0.98 3.82 8.55
CA ALA A 124 -1.31 5.23 8.60
C ALA A 124 -2.53 5.47 9.45
N ASP A 125 -2.55 6.61 10.12
CA ASP A 125 -3.70 6.93 10.95
C ASP A 125 -3.84 8.43 11.01
N GLY A 126 -5.02 8.88 11.37
CA GLY A 126 -5.25 10.30 11.55
C GLY A 126 -5.62 11.04 10.28
N ASP A 127 -5.35 12.34 10.28
CA ASP A 127 -5.93 13.26 9.31
C ASP A 127 -5.11 13.40 8.03
N PHE A 128 -4.83 12.27 7.40
CA PHE A 128 -3.97 12.18 6.23
C PHE A 128 -4.51 11.04 5.37
N LYS A 129 -5.02 11.40 4.19
CA LYS A 129 -5.59 10.41 3.26
C LYS A 129 -4.52 9.96 2.28
N ILE A 130 -4.11 8.70 2.35
CA ILE A 130 -3.03 8.18 1.49
C ILE A 130 -3.52 8.12 0.06
N LYS A 131 -2.76 8.70 -0.85
CA LYS A 131 -3.14 8.69 -2.26
C LYS A 131 -2.26 7.83 -3.12
N CME A 132 -0.99 7.65 -2.77
CA CME A 132 0.10 6.96 -3.39
CB CME A 132 0.74 7.92 -4.35
SG CME A 132 2.06 7.30 -5.36
SD CME A 132 3.59 7.35 -4.03
CE CME A 132 4.25 8.95 -3.69
CZ CME A 132 4.95 9.36 -4.92
OH CME A 132 4.50 8.60 -5.98
C CME A 132 1.10 6.44 -2.41
O CME A 132 1.51 7.15 -1.49
H CME A 132 -1.10 7.22 -3.57
HA CME A 132 -0.25 6.21 -3.90
HB2 CME A 132 0.05 8.26 -4.94
HB3 CME A 132 1.09 8.68 -3.83
HE2 CME A 132 3.53 9.56 -3.50
HE3 CME A 132 4.88 8.91 -2.96
HZ2 CME A 132 4.78 10.30 -5.10
HZ3 CME A 132 5.90 9.20 -4.82
HH CME A 132 4.88 8.87 -6.73
N VAL A 133 1.49 5.18 -2.61
N VAL A 133 1.47 5.17 -2.56
CA VAL A 133 2.65 4.61 -1.94
CA VAL A 133 2.66 4.64 -1.88
C VAL A 133 3.56 4.00 -2.99
C VAL A 133 3.54 4.04 -2.97
N ALA A 134 4.84 4.32 -2.91
CA ALA A 134 5.81 3.75 -3.84
C ALA A 134 6.97 3.17 -3.08
N PHE A 135 7.46 2.05 -3.59
CA PHE A 135 8.54 1.28 -2.95
C PHE A 135 9.69 1.17 -3.90
N ASP A 136 10.52 2.19 -3.98
CA ASP A 136 11.71 2.06 -4.78
C ASP A 136 12.64 1.01 -4.19
N CYS B 4 4.66 -13.87 1.15
CA CYS B 4 4.01 -13.57 -0.11
C CYS B 4 4.48 -12.19 -0.59
N GLY B 5 3.70 -11.58 -1.47
CA GLY B 5 3.95 -10.20 -1.82
C GLY B 5 3.25 -9.28 -0.85
N LEU B 6 3.11 -8.03 -1.27
CA LEU B 6 2.50 -6.99 -0.48
C LEU B 6 1.08 -7.34 -0.08
N VAL B 7 0.72 -7.09 1.17
CA VAL B 7 -0.66 -7.17 1.62
C VAL B 7 -1.09 -5.84 2.16
N ALA B 8 -2.24 -5.34 1.74
CA ALA B 8 -2.77 -4.08 2.23
C ALA B 8 -4.21 -4.25 2.69
N SER B 9 -4.51 -3.64 3.83
N SER B 9 -4.55 -3.59 3.78
CA SER B 9 -5.85 -3.63 4.43
CA SER B 9 -5.88 -3.60 4.33
C SER B 9 -6.29 -2.19 4.69
C SER B 9 -6.30 -2.18 4.68
N ASN B 10 -7.58 -2.02 4.99
CA ASN B 10 -8.19 -0.69 5.16
C ASN B 10 -8.10 0.19 3.91
N LEU B 11 -8.19 -0.45 2.75
N LEU B 11 -8.18 -0.43 2.73
CA LEU B 11 -8.09 0.27 1.48
CA LEU B 11 -8.04 0.33 1.48
C LEU B 11 -9.16 1.32 1.34
C LEU B 11 -9.17 1.31 1.30
N ASN B 12 -10.36 0.96 1.80
CA ASN B 12 -11.52 1.82 1.67
C ASN B 12 -11.80 2.26 0.23
N LEU B 13 -11.62 1.34 -0.72
CA LEU B 13 -11.94 1.63 -2.12
C LEU B 13 -13.44 1.52 -2.34
N LYS B 14 -14.03 2.58 -2.89
CA LYS B 14 -15.48 2.63 -3.10
C LYS B 14 -15.84 2.54 -4.58
N PRO B 15 -17.12 2.28 -4.89
CA PRO B 15 -17.52 2.14 -6.29
C PRO B 15 -17.14 3.37 -7.13
N GLY B 16 -16.57 3.11 -8.29
CA GLY B 16 -16.17 4.17 -9.18
C GLY B 16 -14.75 4.63 -8.99
N GLU B 17 -14.17 4.36 -7.82
CA GLU B 17 -12.80 4.77 -7.54
C GLU B 17 -11.82 3.84 -8.23
N CME B 18 -10.66 4.36 -8.61
CA CME B 18 -9.68 3.60 -9.34
CB CME B 18 -9.17 4.40 -10.48
SG CME B 18 -8.19 3.53 -11.66
SD CME B 18 -9.29 2.25 -12.74
CE CME B 18 -9.88 3.17 -14.13
CZ CME B 18 -8.92 3.60 -15.18
OH CME B 18 -9.43 4.22 -16.32
C CME B 18 -8.51 3.22 -8.49
O CME B 18 -7.86 4.10 -7.88
H CME B 18 -10.38 5.21 -8.47
HA CME B 18 -10.10 2.79 -9.69
HB2 CME B 18 -8.63 5.13 -10.12
HB3 CME B 18 -9.94 4.79 -10.95
HE2 CME B 18 -10.27 3.99 -13.77
HE3 CME B 18 -10.60 2.66 -14.55
HZ2 CME B 18 -8.42 2.81 -15.48
HZ3 CME B 18 -8.30 4.22 -14.78
HH CME B 18 -8.77 4.47 -16.85
N LEU B 19 -8.21 1.94 -8.44
CA LEU B 19 -7.01 1.44 -7.78
C LEU B 19 -5.98 1.16 -8.86
N ARG B 20 -4.82 1.79 -8.82
CA ARG B 20 -3.79 1.56 -9.84
C ARG B 20 -2.60 0.88 -9.22
N VAL B 21 -2.20 -0.24 -9.82
CA VAL B 21 -1.08 -1.01 -9.33
C VAL B 21 -0.05 -1.15 -10.43
N ARG B 22 1.15 -0.61 -10.20
N ARG B 22 1.16 -0.71 -10.13
CA ARG B 22 2.27 -0.86 -11.10
CA ARG B 22 2.30 -0.78 -11.04
C ARG B 22 3.28 -1.77 -10.44
C ARG B 22 3.36 -1.70 -10.44
N GLY B 23 3.88 -2.61 -11.26
CA GLY B 23 4.90 -3.53 -10.79
C GLY B 23 5.76 -4.13 -11.88
N GLU B 24 6.65 -5.01 -11.45
CA GLU B 24 7.63 -5.64 -12.31
C GLU B 24 7.26 -7.09 -12.44
N VAL B 25 7.00 -7.51 -13.68
CA VAL B 25 6.80 -8.92 -13.98
C VAL B 25 8.17 -9.55 -14.08
N ALA B 26 8.37 -10.62 -13.33
CA ALA B 26 9.69 -11.23 -13.26
C ALA B 26 10.14 -11.72 -14.64
N PRO B 27 11.46 -11.75 -14.85
CA PRO B 27 12.10 -12.26 -16.08
C PRO B 27 11.73 -13.72 -16.33
N ASP B 28 11.14 -14.27 -15.29
N ASP B 28 11.45 -14.47 -15.26
CA ASP B 28 11.24 -15.61 -14.89
CA ASP B 28 11.19 -15.91 -15.36
C ASP B 28 9.81 -16.12 -14.73
C ASP B 28 9.74 -16.26 -15.03
N ALA B 29 8.86 -15.28 -15.17
CA ALA B 29 7.48 -15.38 -14.72
C ALA B 29 6.72 -16.57 -15.27
N LYS B 30 6.06 -17.26 -14.35
CA LYS B 30 5.14 -18.33 -14.66
C LYS B 30 3.71 -17.90 -14.38
N SER B 31 3.55 -17.12 -13.32
CA SER B 31 2.23 -16.80 -12.81
C SER B 31 2.38 -15.64 -11.83
N PHE B 32 1.41 -14.72 -11.83
CA PHE B 32 1.28 -13.80 -10.72
C PHE B 32 -0.17 -13.54 -10.38
N VAL B 33 -0.37 -13.00 -9.19
CA VAL B 33 -1.70 -12.87 -8.62
C VAL B 33 -1.90 -11.53 -7.95
N LEU B 34 -3.07 -10.94 -8.22
N LEU B 34 -3.08 -10.95 -8.17
CA LEU B 34 -3.61 -9.86 -7.39
CA LEU B 34 -3.56 -9.84 -7.35
C LEU B 34 -4.94 -10.33 -6.83
C LEU B 34 -4.94 -10.21 -6.83
N ASN B 35 -5.07 -10.27 -5.51
CA ASN B 35 -6.33 -10.59 -4.86
C ASN B 35 -6.92 -9.33 -4.28
N LEU B 36 -8.21 -9.13 -4.50
N LEU B 36 -8.19 -9.10 -4.57
CA LEU B 36 -8.95 -8.00 -3.97
CA LEU B 36 -8.95 -7.99 -3.98
C LEU B 36 -10.24 -8.46 -3.34
C LEU B 36 -10.19 -8.51 -3.29
N GLY B 37 -10.57 -7.84 -2.20
CA GLY B 37 -11.82 -8.15 -1.55
C GLY B 37 -12.01 -7.51 -0.20
N LYS B 38 -12.74 -8.23 0.66
CA LYS B 38 -13.01 -7.79 2.03
C LYS B 38 -11.86 -8.20 2.96
N ASP B 39 -11.36 -9.40 2.74
CA ASP B 39 -10.25 -9.98 3.51
C ASP B 39 -9.77 -11.21 2.76
N SER B 40 -8.81 -11.94 3.32
CA SER B 40 -8.18 -13.03 2.57
C SER B 40 -9.14 -14.17 2.22
N ASN B 41 -10.25 -14.28 2.93
CA ASN B 41 -11.20 -15.35 2.68
C ASN B 41 -12.40 -14.96 1.85
N ASN B 42 -12.46 -13.68 1.52
CA ASN B 42 -13.58 -13.11 0.82
C ASN B 42 -13.06 -12.19 -0.27
N LEU B 43 -12.82 -12.79 -1.43
CA LEU B 43 -12.22 -12.11 -2.56
C LEU B 43 -13.24 -11.90 -3.65
N CYS B 44 -13.49 -10.64 -3.98
CA CYS B 44 -14.33 -10.36 -5.15
C CYS B 44 -13.53 -10.58 -6.43
N LEU B 45 -12.19 -10.48 -6.34
CA LEU B 45 -11.35 -10.77 -7.50
C LEU B 45 -10.02 -11.44 -7.16
N HIS B 46 -9.84 -12.65 -7.64
CA HIS B 46 -8.56 -13.33 -7.70
C HIS B 46 -8.17 -13.22 -9.16
N PHE B 47 -7.19 -12.37 -9.43
CA PHE B 47 -6.74 -12.03 -10.78
C PHE B 47 -5.40 -12.72 -10.98
N ASN B 48 -5.38 -13.70 -11.89
CA ASN B 48 -4.22 -14.59 -12.00
C ASN B 48 -3.79 -14.80 -13.45
N PRO B 49 -2.98 -13.88 -13.98
CA PRO B 49 -2.32 -14.11 -15.26
C PRO B 49 -1.33 -15.26 -15.18
N ARG B 50 -1.52 -16.24 -16.05
CA ARG B 50 -0.66 -17.41 -16.11
C ARG B 50 0.08 -17.46 -17.42
N PHE B 51 1.40 -17.25 -17.35
CA PHE B 51 2.26 -17.44 -18.50
C PHE B 51 2.35 -18.92 -18.81
N ASN B 52 2.67 -19.70 -17.80
CA ASN B 52 2.75 -21.14 -17.92
C ASN B 52 2.58 -21.78 -16.53
N ALA B 53 1.34 -22.09 -16.17
CA ALA B 53 1.03 -22.53 -14.81
C ALA B 53 -0.34 -23.17 -14.67
N HIS B 54 -0.43 -24.17 -13.79
CA HIS B 54 -1.67 -24.84 -13.43
C HIS B 54 -2.51 -25.23 -14.65
N GLY B 55 -1.83 -25.71 -15.69
CA GLY B 55 -2.50 -26.22 -16.87
C GLY B 55 -2.82 -25.20 -17.94
N ASP B 56 -2.44 -23.94 -17.70
CA ASP B 56 -2.73 -22.84 -18.63
C ASP B 56 -1.46 -22.20 -19.19
N ALA B 57 -1.56 -21.77 -20.44
CA ALA B 57 -0.49 -21.01 -21.10
C ALA B 57 -1.04 -19.66 -21.57
N ASN B 58 -0.37 -18.59 -21.18
CA ASN B 58 -0.75 -17.24 -21.61
C ASN B 58 -2.24 -16.96 -21.48
N THR B 59 -2.78 -17.22 -20.28
CA THR B 59 -4.20 -17.06 -20.02
C THR B 59 -4.39 -16.39 -18.67
N ILE B 60 -5.28 -15.41 -18.64
CA ILE B 60 -5.70 -14.82 -17.38
C ILE B 60 -6.86 -15.63 -16.81
N VAL B 61 -6.65 -16.15 -15.61
CA VAL B 61 -7.70 -16.81 -14.88
C VAL B 61 -8.21 -15.88 -13.78
N CYS B 62 -9.51 -15.73 -13.72
CA CYS B 62 -10.14 -14.98 -12.65
C CYS B 62 -11.06 -15.86 -11.83
N ASN B 63 -11.09 -15.59 -10.54
CA ASN B 63 -12.05 -16.29 -9.69
C ASN B 63 -12.49 -15.41 -8.53
N SER B 64 -13.45 -15.90 -7.76
CA SER B 64 -13.84 -15.31 -6.48
C SER B 64 -13.59 -16.33 -5.37
N LYS B 65 -13.62 -15.86 -4.13
CA LYS B 65 -13.56 -16.73 -2.98
C LYS B 65 -14.56 -16.17 -1.99
N ASP B 66 -15.50 -17.01 -1.55
CA ASP B 66 -16.60 -16.59 -0.70
C ASP B 66 -16.58 -17.43 0.57
N GLY B 67 -16.24 -16.80 1.70
CA GLY B 67 -16.16 -17.53 2.96
C GLY B 67 -15.20 -18.71 2.91
N GLY B 68 -14.08 -18.53 2.22
CA GLY B 68 -13.06 -19.55 2.13
C GLY B 68 -13.20 -20.49 0.95
N ALA B 69 -14.33 -20.43 0.26
CA ALA B 69 -14.61 -21.36 -0.84
C ALA B 69 -14.38 -20.71 -2.21
N TRP B 70 -13.55 -21.33 -3.03
CA TRP B 70 -13.35 -20.84 -4.39
C TRP B 70 -14.62 -20.95 -5.22
N GLY B 71 -14.85 -19.92 -6.03
CA GLY B 71 -15.93 -19.95 -7.00
C GLY B 71 -15.53 -20.67 -8.29
N THR B 72 -16.28 -20.37 -9.34
CA THR B 72 -16.04 -20.94 -10.65
C THR B 72 -15.11 -20.04 -11.45
N GLU B 73 -14.05 -20.63 -12.00
CA GLU B 73 -13.07 -19.89 -12.79
C GLU B 73 -13.64 -19.33 -14.08
N GLN B 74 -13.22 -18.11 -14.41
CA GLN B 74 -13.48 -17.52 -15.73
C GLN B 74 -12.14 -17.26 -16.40
N ARG B 75 -12.01 -17.67 -17.66
CA ARG B 75 -10.79 -17.43 -18.43
C ARG B 75 -11.04 -16.34 -19.45
N GLU B 76 -10.10 -15.39 -19.50
CA GLU B 76 -10.21 -14.25 -20.40
C GLU B 76 -9.67 -14.58 -21.78
N ALA B 77 -9.90 -13.65 -22.71
CA ALA B 77 -9.60 -13.89 -24.12
C ALA B 77 -8.31 -13.19 -24.53
N VAL B 78 -7.74 -12.39 -23.63
CA VAL B 78 -6.59 -11.56 -23.97
C VAL B 78 -5.46 -11.73 -22.97
N PHE B 79 -4.23 -11.47 -23.39
CA PHE B 79 -3.07 -11.63 -22.51
C PHE B 79 -1.95 -10.64 -22.82
N PRO B 80 -2.12 -9.39 -22.39
CA PRO B 80 -1.15 -8.34 -22.72
C PRO B 80 -0.06 -8.20 -21.65
N PHE B 81 0.53 -9.33 -21.29
CA PHE B 81 1.68 -9.33 -20.38
C PHE B 81 2.86 -10.05 -21.01
N GLN B 82 4.07 -9.61 -20.67
CA GLN B 82 5.23 -10.45 -20.92
C GLN B 82 6.21 -10.47 -19.78
N PRO B 83 6.96 -11.56 -19.68
CA PRO B 83 7.93 -11.68 -18.59
C PRO B 83 9.00 -10.61 -18.72
N GLY B 84 9.48 -10.10 -17.58
CA GLY B 84 10.58 -9.16 -17.55
C GLY B 84 10.21 -7.80 -18.09
N SER B 85 9.06 -7.29 -17.67
CA SER B 85 8.59 -5.99 -18.12
C SER B 85 7.86 -5.35 -16.96
N VAL B 86 7.57 -4.06 -17.09
CA VAL B 86 6.73 -3.40 -16.10
C VAL B 86 5.30 -3.42 -16.61
N ALA B 87 4.36 -3.51 -15.67
CA ALA B 87 2.97 -3.51 -16.05
C ALA B 87 2.16 -2.74 -15.02
N GLU B 88 1.13 -2.07 -15.53
CA GLU B 88 0.16 -1.38 -14.71
C GLU B 88 -1.19 -2.04 -14.93
N VAL B 89 -1.89 -2.27 -13.82
CA VAL B 89 -3.27 -2.77 -13.85
C VAL B 89 -4.10 -1.76 -13.07
N CME B 90 -5.28 -1.40 -13.59
CA CME B 90 -6.15 -0.46 -12.95
CB CME B 90 -6.33 0.72 -13.84
SG CME B 90 -4.85 1.55 -14.31
SD CME B 90 -4.92 1.81 -16.32
CE CME B 90 -4.26 0.36 -17.08
CZ CME B 90 -2.96 0.49 -17.83
OH CME B 90 -2.22 -0.65 -18.03
C CME B 90 -7.44 -1.13 -12.73
O CME B 90 -7.97 -1.78 -13.68
H CME B 90 -5.64 -1.71 -14.37
HA CME B 90 -5.78 -0.18 -12.10
HB2 CME B 90 -6.77 0.41 -14.66
HB3 CME B 90 -6.91 1.36 -13.40
HE2 CME B 90 -4.92 -0.01 -17.68
HE3 CME B 90 -4.10 -0.29 -16.37
HZ2 CME B 90 -3.16 0.89 -18.69
HZ3 CME B 90 -2.40 1.12 -17.32
HH CME B 90 -1.50 -0.46 -18.52
N ILE B 91 -7.97 -1.07 -11.53
CA ILE B 91 -9.22 -1.76 -11.20
C ILE B 91 -10.25 -0.80 -10.61
N THR B 92 -11.48 -0.92 -11.09
CA THR B 92 -12.58 -0.21 -10.50
C THR B 92 -13.74 -1.22 -10.37
N PHE B 93 -14.76 -0.88 -9.61
CA PHE B 93 -15.87 -1.79 -9.44
C PHE B 93 -17.16 -1.03 -9.15
N ASP B 94 -18.27 -1.74 -9.28
CA ASP B 94 -19.56 -1.22 -8.88
C ASP B 94 -20.42 -2.39 -8.42
N GLN B 95 -21.73 -2.17 -8.35
CA GLN B 95 -22.69 -3.18 -7.90
C GLN B 95 -22.54 -4.52 -8.64
N ALA B 96 -22.33 -4.44 -9.94
CA ALA B 96 -22.47 -5.61 -10.80
C ALA B 96 -21.15 -6.25 -11.16
N ASN B 97 -20.11 -5.44 -11.34
CA ASN B 97 -18.88 -5.90 -11.96
C ASN B 97 -17.65 -5.20 -11.45
N LEU B 98 -16.54 -5.91 -11.54
CA LEU B 98 -15.22 -5.31 -11.49
C LEU B 98 -14.80 -5.10 -12.93
N THR B 99 -14.19 -3.95 -13.16
CA THR B 99 -13.60 -3.66 -14.46
C THR B 99 -12.10 -3.62 -14.26
N VAL B 100 -11.41 -4.45 -15.01
CA VAL B 100 -9.96 -4.55 -14.96
C VAL B 100 -9.38 -4.01 -16.26
N LYS B 101 -8.63 -2.92 -16.14
CA LYS B 101 -7.94 -2.32 -17.27
C LYS B 101 -6.49 -2.77 -17.26
N LEU B 102 -6.04 -3.24 -18.41
CA LEU B 102 -4.77 -3.90 -18.57
C LEU B 102 -3.89 -3.05 -19.48
N PRO B 103 -2.64 -3.46 -19.65
CA PRO B 103 -1.76 -2.79 -20.61
C PRO B 103 -2.31 -2.82 -22.05
N ASP B 104 -1.83 -1.88 -22.87
CA ASP B 104 -2.12 -1.84 -24.30
C ASP B 104 -3.61 -1.68 -24.64
N GLY B 105 -4.36 -1.11 -23.72
CA GLY B 105 -5.75 -0.76 -23.97
C GLY B 105 -6.76 -1.86 -23.78
N TYR B 106 -6.34 -3.02 -23.27
CA TYR B 106 -7.26 -4.13 -23.01
C TYR B 106 -8.01 -3.92 -21.71
N GLU B 107 -9.22 -4.46 -21.65
CA GLU B 107 -9.95 -4.46 -20.40
C GLU B 107 -10.98 -5.55 -20.41
N PHE B 108 -11.38 -5.96 -19.23
CA PHE B 108 -12.48 -6.91 -19.17
C PHE B 108 -13.26 -6.69 -17.90
N LYS B 109 -14.42 -7.34 -17.84
CA LYS B 109 -15.28 -7.27 -16.66
C LYS B 109 -15.38 -8.64 -16.02
N PHE B 110 -15.46 -8.63 -14.68
CA PHE B 110 -15.68 -9.87 -13.94
C PHE B 110 -16.82 -9.58 -12.99
N PRO B 111 -17.83 -10.45 -12.90
CA PRO B 111 -18.99 -10.16 -12.05
C PRO B 111 -18.62 -10.02 -10.58
N ASN B 112 -19.25 -9.06 -9.92
CA ASN B 112 -19.09 -8.87 -8.49
C ASN B 112 -19.99 -9.85 -7.77
N ARG B 113 -19.48 -11.07 -7.60
CA ARG B 113 -20.25 -12.19 -7.06
C ARG B 113 -20.60 -12.04 -5.58
N LEU B 114 -19.76 -11.31 -4.86
N LEU B 114 -19.76 -11.32 -4.83
CA LEU B 114 -19.95 -11.09 -3.43
CA LEU B 114 -20.03 -11.12 -3.40
C LEU B 114 -20.83 -9.86 -3.17
C LEU B 114 -20.88 -9.87 -3.16
N ASN B 115 -21.20 -9.15 -4.22
CA ASN B 115 -21.92 -7.89 -4.13
C ASN B 115 -21.25 -6.90 -3.17
N LEU B 116 -19.92 -6.78 -3.26
CA LEU B 116 -19.19 -5.91 -2.34
C LEU B 116 -19.48 -4.46 -2.68
N GLU B 117 -19.66 -3.62 -1.67
N GLU B 117 -19.65 -3.66 -1.65
CA GLU B 117 -19.81 -2.18 -1.86
CA GLU B 117 -19.85 -2.23 -1.78
C GLU B 117 -18.56 -1.43 -1.42
C GLU B 117 -18.57 -1.45 -1.44
N ALA B 118 -17.55 -2.17 -0.99
CA ALA B 118 -16.25 -1.61 -0.67
C ALA B 118 -15.21 -2.69 -0.82
N ILE B 119 -14.01 -2.29 -1.25
CA ILE B 119 -12.88 -3.20 -1.30
C ILE B 119 -11.86 -2.70 -0.30
N ASN B 120 -11.58 -3.53 0.68
CA ASN B 120 -10.72 -3.13 1.78
C ASN B 120 -9.43 -3.89 1.85
N TYR B 121 -9.30 -4.95 1.04
CA TYR B 121 -8.15 -5.84 1.10
C TYR B 121 -7.57 -6.04 -0.28
N MET B 122 -6.23 -5.98 -0.35
CA MET B 122 -5.49 -6.34 -1.56
C MET B 122 -4.26 -7.13 -1.18
N ALA B 123 -3.92 -8.14 -1.96
CA ALA B 123 -2.70 -8.89 -1.74
C ALA B 123 -2.08 -9.30 -3.07
N ALA B 124 -0.77 -9.27 -3.16
CA ALA B 124 -0.05 -9.68 -4.35
C ALA B 124 0.69 -10.97 -4.07
N ASP B 125 0.85 -11.80 -5.08
CA ASP B 125 1.63 -13.02 -4.91
C ASP B 125 2.20 -13.39 -6.27
N GLY B 126 3.22 -14.23 -6.25
CA GLY B 126 3.81 -14.71 -7.48
C GLY B 126 4.81 -13.76 -8.10
N ASP B 127 4.94 -13.86 -9.41
CA ASP B 127 6.07 -13.28 -10.12
C ASP B 127 5.81 -11.83 -10.54
N PHE B 128 5.37 -11.03 -9.57
CA PHE B 128 4.99 -9.63 -9.77
C PHE B 128 5.38 -8.82 -8.54
N LYS B 129 6.33 -7.92 -8.72
CA LYS B 129 6.78 -7.09 -7.61
C LYS B 129 6.15 -5.72 -7.70
N ILE B 130 5.34 -5.39 -6.71
CA ILE B 130 4.61 -4.13 -6.70
C ILE B 130 5.56 -3.00 -6.40
N LYS B 131 5.48 -1.96 -7.22
CA LYS B 131 6.36 -0.81 -7.07
C LYS B 131 5.65 0.46 -6.70
N CME B 132 4.39 0.62 -7.01
CA CME B 132 3.47 1.67 -6.77
CB CME B 132 3.69 2.74 -7.79
SG CME B 132 2.96 4.30 -7.46
SD CME B 132 1.00 4.11 -7.88
CE CME B 132 0.53 3.40 -9.42
CZ CME B 132 0.18 4.39 -10.46
OH CME B 132 -0.16 3.98 -11.73
C CME B 132 2.04 1.27 -6.72
O CME B 132 1.55 0.51 -7.59
H CME B 132 4.64 1.37 -6.56
HA CME B 132 3.68 2.06 -5.90
HB2 CME B 132 3.35 2.42 -8.64
HB3 CME B 132 4.65 2.87 -7.88
HE2 CME B 132 -0.24 2.81 -9.27
HE3 CME B 132 1.26 2.86 -9.76
HZ2 CME B 132 -0.57 4.90 -10.13
HZ3 CME B 132 0.93 5.01 -10.55
HH CME B 132 -0.40 4.68 -12.22
N VAL B 133 1.34 1.82 -5.74
N VAL B 133 1.34 1.69 -5.68
CA VAL B 133 -0.10 1.67 -5.60
CA VAL B 133 -0.11 1.64 -5.66
C VAL B 133 -0.69 3.05 -5.40
C VAL B 133 -0.63 3.06 -5.49
N ALA B 134 -1.69 3.38 -6.21
CA ALA B 134 -2.31 4.69 -6.17
C ALA B 134 -3.81 4.58 -6.15
N PHE B 135 -4.42 5.60 -5.56
CA PHE B 135 -5.87 5.72 -5.45
C PHE B 135 -6.38 7.00 -6.11
N ASP B 136 -7.17 6.86 -7.18
CA ASP B 136 -8.06 7.92 -7.66
C ASP B 136 -9.49 7.37 -7.83
C8 2XU C . 6.00 16.70 25.68
C7 2XU C . 5.65 15.23 25.83
O7 2XU C . 6.54 14.39 25.95
N2 2XU C . 4.37 14.90 25.60
C2 2XU C . 3.95 13.49 25.74
C3 2XU C . 2.98 13.10 24.65
O3 2XU C . 3.67 13.23 23.41
C1 2XU C . 3.29 13.23 27.11
O1 2XU C . 4.01 13.87 28.21
CBC 2XU C . 5.43 13.62 28.33
CBD 2XU C . 5.81 12.16 28.53
CBE 2XU C . 7.08 11.75 27.78
O5 2XU C . 2.88 11.85 27.25
C5 2XU C . 1.93 11.47 26.22
C6 2XU C . 1.31 10.09 26.43
O6 2XU C . 2.33 9.10 26.44
C4 2XU C . 2.59 11.64 24.82
O4 2XU C . 1.66 11.27 23.78
CBG 2XU C . 1.92 10.01 23.10
CBM 2XU C . 0.76 9.73 22.16
OBK 2XU C . -0.41 9.51 22.94
OBF 2XU C . 3.16 10.07 22.39
CBI 2XU C . 3.45 8.84 21.70
CBL 2XU C . 4.81 9.02 21.00
OAJ 2XU C . 5.83 9.28 21.97
CBH 2XU C . 2.31 8.58 20.68
OAO 2XU C . 2.21 9.66 19.73
CBN 2XU C . 0.99 8.46 21.44
OBJ 2XU C . -0.13 8.21 20.55
CBO 2XU C . -0.15 6.97 19.83
CBP 2XU C . -1.19 7.01 18.70
CAX 2XU C . -2.40 7.56 18.70
NBQ 2XU C . -1.01 6.47 17.50
NBR 2XU C . -2.00 6.68 16.83
N 2XU C . -2.86 7.31 17.47
CA 2XU C . -4.15 7.66 16.81
C 2XU C . -3.98 9.05 16.17
O 2XU C . -2.89 9.62 16.11
CAF 2XU C . -5.12 9.63 15.65
CAD 2XU C . -5.04 10.93 15.18
CAE 2XU C . -6.17 11.57 14.66
OAP 2XU C . -6.07 12.84 14.18
CAC 2XU C . -7.39 10.89 14.63
CAA 2XU C . -7.47 9.59 15.12
CAH 2XU C . -6.34 8.96 15.64
S SO4 D . -15.59 7.55 1.96
O1 SO4 D . -17.02 7.52 2.27
O2 SO4 D . -15.25 8.81 1.29
O3 SO4 D . -15.29 6.41 1.07
O4 SO4 D . -14.83 7.45 3.21
C8 2XU E . -6.87 -25.80 -16.55
C7 2XU E . -7.44 -26.05 -15.15
O7 2XU E . -8.61 -26.39 -15.00
N2 2XU E . -6.66 -25.63 -14.15
C2 2XU E . -6.97 -25.74 -12.71
C3 2XU E . -6.13 -24.77 -11.99
O3 2XU E . -6.70 -23.48 -12.40
C1 2XU E . -6.63 -27.16 -12.22
O1 2XU E . -7.19 -28.15 -13.08
CBC 2XU E . -6.57 -29.41 -12.83
CBD 2XU E . -6.06 -29.92 -14.18
CBE 2XU E . -4.77 -29.30 -14.70
O5 2XU E . -6.93 -27.27 -10.78
C5 2XU E . -6.11 -26.30 -10.09
C6 2XU E . -6.35 -26.49 -8.58
O6 2XU E . -7.74 -26.30 -8.26
C4 2XU E . -6.43 -24.87 -10.55
O4 2XU E . -5.60 -23.92 -9.86
CBG 2XU E . -5.91 -23.05 -8.79
CBM 2XU E . -4.64 -22.42 -8.31
OBK 2XU E . -3.84 -23.50 -7.74
OBF 2XU E . -6.84 -22.06 -9.27
CBI 2XU E . -7.20 -21.14 -8.24
CBL 2XU E . -8.18 -20.18 -8.89
OAJ 2XU E . -9.34 -20.91 -9.32
CBH 2XU E . -5.93 -20.43 -7.74
OAO 2XU E . -5.28 -19.75 -8.83
CBN 2XU E . -4.95 -21.48 -7.19
OBJ 2XU E . -3.73 -20.86 -6.71
CBO 2XU E . -3.88 -20.03 -5.56
CBP 2XU E . -2.61 -19.16 -5.36
CAX 2XU E . -1.34 -19.53 -5.50
NBQ 2XU E . -2.65 -17.87 -5.04
NBR 2XU E . -1.49 -17.45 -4.97
N 2XU E . -0.63 -18.40 -5.24
CA 2XU E . 0.88 -18.14 -5.23
C 2XU E . 1.39 -17.85 -6.66
O 2XU E . 0.66 -17.24 -7.45
CAF 2XU E . 2.76 -17.97 -6.91
CAD 2XU E . 3.20 -18.10 -8.23
CAE 2XU E . 4.55 -18.27 -8.52
OAP 2XU E . 4.98 -18.36 -9.82
CAC 2XU E . 5.47 -18.38 -7.49
CAA 2XU E . 5.04 -18.30 -6.17
CAH 2XU E . 3.69 -18.15 -5.88
#